data_3RUB
#
_entry.id   3RUB
#
_cell.length_a   148.700
_cell.length_b   148.700
_cell.length_c   137.500
_cell.angle_alpha   90.00
_cell.angle_beta   90.00
_cell.angle_gamma   90.00
#
_symmetry.space_group_name_H-M   'I 4 2 2'
#
loop_
_entity.id
_entity.type
_entity.pdbx_description
1 polymer 'RIBULOSE 1,5-BISPHOSPHATE CARBOXYLASE/OXYGENASE, FORM III'
2 polymer 'RIBULOSE 1,5-BISPHOSPHATE CARBOXYLASE/OXYGENASE, FORM III'
3 non-polymer 'SULFATE ION'
4 non-polymer ASPARAGINE
5 water water
#
loop_
_entity_poly.entity_id
_entity_poly.type
_entity_poly.pdbx_seq_one_letter_code
_entity_poly.pdbx_strand_id
1 'polypeptide(L)'
;MSPQTETKASVGFKAGVKEYKLTYYTPEYQTKDTDILAAFRVTPQPGVPPEEAGAAVAAESSTGTWTTVWTDGLTSLDRY
KGRCYRIERVVGEKDQYIAYVAYPLDLFEEGSVTNMFTSIVGNVFGFKALRALRLEDLRIPPAYVKTFQGPPHGIQVERD
KLNKYGRPLLGCTIKPKLGLSAKNYGRAVYECLRGGLDFTKDDENVNSQPFMRWRDRFLFCAEALYKAQAETGEIKGHYL
NATAGTCEEMIKRAVFARELGVPIVMHDYLTGGFTANTSLAHYCRDNGLLLHIHRAMHAVIDRQKNHGIHFRVLAKALRM
SGGDHIHSGTVVGKLEGERDITLGFVDLLRDDFVEQDRSRGIYFTQDWVSLPGVLPVASGGIHVWHMPALTEIFGDDSVL
QFGGMTLGHPWGNAPGAVANRVALEACVKARNEGRDLAQEGNEIIREACKWSPELAAACEVWKEIVFNFAAVDVLDK
;
L
2 'polypeptide(L)'
;MQVWPPINKKKYETLSYLPDLSQEQLLSEVEYLLKNGWVPCLEFETEHGFVYRENNKSPGYYDGRYWTMWKLPMFGCTDA
TQVLAEVEEAKKAYPQAWIRIIGFDNVRQVQCISFIAYKPEGY
;
S
#
# COMPACT_ATOMS: atom_id res chain seq x y z
N LEU A 22 32.71 -28.99 -4.86
CA LEU A 22 31.79 -28.37 -3.84
C LEU A 22 32.73 -27.55 -2.96
N THR A 23 33.17 -26.55 -3.74
CA THR A 23 34.03 -25.42 -3.46
C THR A 23 33.07 -24.22 -3.37
N TYR A 24 31.80 -24.60 -3.44
CA TYR A 24 30.67 -23.71 -3.37
C TYR A 24 29.89 -23.84 -2.08
N TYR A 25 30.31 -24.80 -1.28
CA TYR A 25 29.63 -24.98 0.06
C TYR A 25 30.68 -24.50 1.07
N THR A 26 30.44 -23.37 1.70
CA THR A 26 31.50 -22.78 2.51
C THR A 26 30.94 -22.30 3.82
N PRO A 27 30.73 -23.29 4.67
CA PRO A 27 30.19 -23.06 6.02
C PRO A 27 31.08 -22.19 6.86
N GLU A 28 32.31 -22.03 6.46
CA GLU A 28 33.27 -21.18 7.20
C GLU A 28 33.07 -19.69 6.91
N TYR A 29 32.48 -19.45 5.75
CA TYR A 29 32.17 -18.14 5.22
C TYR A 29 31.29 -17.31 6.14
N GLN A 30 31.86 -16.17 6.32
CA GLN A 30 31.56 -14.94 6.99
C GLN A 30 31.00 -13.94 5.94
N THR A 31 29.67 -13.84 5.98
CA THR A 31 29.05 -12.92 4.98
C THR A 31 29.54 -11.50 5.22
N LYS A 32 29.61 -10.77 4.11
CA LYS A 32 30.06 -9.33 4.17
C LYS A 32 28.81 -8.47 4.18
N ASP A 33 28.89 -7.28 4.69
CA ASP A 33 27.82 -6.27 4.74
C ASP A 33 27.24 -5.85 3.36
N THR A 34 28.07 -6.02 2.34
CA THR A 34 27.71 -5.73 0.99
C THR A 34 27.20 -6.93 0.27
N ASP A 35 27.24 -8.15 0.81
CA ASP A 35 26.71 -9.29 0.12
C ASP A 35 25.20 -9.21 -0.03
N ILE A 36 24.81 -9.89 -1.12
CA ILE A 36 23.38 -10.09 -1.40
C ILE A 36 23.23 -11.55 -0.83
N LEU A 37 22.28 -11.82 0.02
CA LEU A 37 22.15 -13.21 0.54
C LEU A 37 20.81 -13.69 0.03
N ALA A 38 20.73 -14.96 -0.27
CA ALA A 38 19.47 -15.59 -0.68
C ALA A 38 19.16 -16.84 0.18
N ALA A 39 17.94 -17.06 0.52
CA ALA A 39 17.43 -18.22 1.22
C ALA A 39 16.65 -19.04 0.21
N PHE A 40 17.14 -20.12 -0.36
CA PHE A 40 16.47 -21.01 -1.29
C PHE A 40 15.89 -22.26 -0.55
N ARG A 41 14.66 -22.59 -0.80
CA ARG A 41 13.97 -23.77 -0.28
C ARG A 41 14.20 -24.81 -1.39
N VAL A 42 15.03 -25.78 -1.10
CA VAL A 42 15.52 -26.82 -2.01
C VAL A 42 14.97 -28.21 -1.60
N THR A 43 14.58 -28.90 -2.62
CA THR A 43 14.00 -30.23 -2.70
C THR A 43 14.90 -30.96 -3.71
N PRO A 44 15.90 -31.58 -3.13
CA PRO A 44 16.91 -32.29 -3.93
C PRO A 44 16.32 -33.58 -4.51
N GLN A 45 16.96 -34.01 -5.58
CA GLN A 45 16.71 -35.24 -6.31
C GLN A 45 17.25 -36.33 -5.35
N PRO A 46 16.54 -37.43 -5.29
CA PRO A 46 16.89 -38.54 -4.40
C PRO A 46 18.32 -38.97 -4.65
N GLY A 47 19.09 -38.98 -3.56
CA GLY A 47 20.50 -39.37 -3.71
C GLY A 47 21.50 -38.27 -3.39
N VAL A 48 21.33 -37.11 -4.04
CA VAL A 48 22.20 -35.94 -3.88
C VAL A 48 22.07 -35.32 -2.50
N PRO A 49 23.22 -35.21 -1.81
CA PRO A 49 23.24 -34.67 -0.45
C PRO A 49 22.90 -33.18 -0.52
N PRO A 50 22.49 -32.67 0.62
CA PRO A 50 22.14 -31.25 0.77
C PRO A 50 23.28 -30.30 0.37
N GLU A 51 24.42 -30.57 0.96
CA GLU A 51 25.64 -29.81 0.75
C GLU A 51 25.90 -29.76 -0.74
N GLU A 52 25.60 -30.88 -1.36
CA GLU A 52 25.84 -30.85 -2.84
C GLU A 52 24.75 -30.03 -3.51
N ALA A 53 23.59 -30.06 -2.87
CA ALA A 53 22.38 -29.38 -3.32
C ALA A 53 22.72 -27.88 -3.39
N GLY A 54 22.89 -27.40 -2.16
CA GLY A 54 23.26 -26.02 -1.86
C GLY A 54 24.46 -25.56 -2.65
N ALA A 55 25.43 -26.40 -2.92
CA ALA A 55 26.60 -25.98 -3.71
C ALA A 55 26.19 -25.85 -5.17
N ALA A 56 25.17 -26.56 -5.58
CA ALA A 56 24.79 -26.45 -7.02
C ALA A 56 23.95 -25.21 -7.24
N VAL A 57 23.08 -24.84 -6.32
CA VAL A 57 22.26 -23.61 -6.39
C VAL A 57 23.20 -22.40 -6.63
N ALA A 58 24.25 -22.35 -5.83
CA ALA A 58 25.28 -21.31 -5.81
C ALA A 58 26.23 -21.30 -7.00
N ALA A 59 26.56 -22.49 -7.39
CA ALA A 59 27.46 -22.67 -8.52
C ALA A 59 26.80 -22.13 -9.76
N GLU A 60 25.71 -22.61 -10.34
CA GLU A 60 25.32 -21.93 -11.59
C GLU A 60 24.27 -20.85 -11.37
N SER A 61 24.38 -20.29 -10.19
CA SER A 61 23.50 -19.14 -9.77
C SER A 61 24.43 -17.90 -9.79
N SER A 62 25.70 -18.13 -10.14
CA SER A 62 26.74 -17.11 -10.18
C SER A 62 27.77 -17.40 -11.27
N THR A 63 28.29 -18.60 -11.23
CA THR A 63 29.36 -19.03 -12.14
C THR A 63 29.03 -20.23 -13.02
N VAL A 69 37.79 -23.69 -17.20
CA VAL A 69 38.47 -23.11 -18.36
C VAL A 69 39.53 -22.04 -17.99
N TRP A 70 40.28 -21.79 -19.06
CA TRP A 70 41.40 -20.84 -19.02
C TRP A 70 40.98 -19.41 -18.72
N THR A 71 39.92 -18.91 -19.32
CA THR A 71 39.49 -17.51 -19.07
C THR A 71 39.29 -17.36 -17.58
N ASP A 72 39.01 -18.53 -17.00
CA ASP A 72 38.76 -18.66 -15.55
C ASP A 72 40.00 -18.22 -14.78
N GLY A 73 41.15 -18.43 -15.40
CA GLY A 73 42.42 -18.04 -14.72
C GLY A 73 42.83 -16.62 -15.06
N LEU A 74 41.98 -15.96 -15.86
CA LEU A 74 42.30 -14.56 -16.27
C LEU A 74 41.77 -13.59 -15.21
N THR A 75 40.95 -14.19 -14.36
CA THR A 75 40.28 -13.54 -13.23
C THR A 75 40.39 -14.42 -11.98
N SER A 76 39.60 -14.12 -10.96
CA SER A 76 39.54 -14.80 -9.66
C SER A 76 38.12 -15.29 -9.36
N LEU A 77 37.90 -16.60 -9.43
CA LEU A 77 36.65 -17.29 -9.20
C LEU A 77 35.98 -16.85 -7.89
N ASP A 78 36.89 -16.95 -6.95
CA ASP A 78 36.62 -16.64 -5.56
C ASP A 78 36.02 -15.26 -5.43
N ARG A 79 36.41 -14.30 -6.26
CA ARG A 79 35.79 -12.96 -6.14
C ARG A 79 34.33 -12.98 -6.65
N TYR A 80 33.99 -13.58 -7.77
CA TYR A 80 32.61 -13.56 -8.25
C TYR A 80 31.72 -14.76 -8.05
N LYS A 81 32.09 -15.67 -7.17
CA LYS A 81 31.27 -16.87 -7.00
C LYS A 81 30.17 -16.70 -5.98
N GLY A 82 29.05 -17.32 -6.30
CA GLY A 82 27.99 -17.33 -5.23
C GLY A 82 28.58 -18.48 -4.33
N ARG A 83 28.24 -18.42 -3.07
CA ARG A 83 28.68 -19.52 -2.15
C ARG A 83 27.59 -19.77 -1.13
N CYS A 84 27.37 -21.08 -0.96
CA CYS A 84 26.38 -21.67 -0.03
C CYS A 84 27.11 -21.80 1.31
N TYR A 85 26.85 -20.90 2.19
CA TYR A 85 27.62 -20.91 3.45
C TYR A 85 26.73 -21.53 4.52
N ARG A 86 25.61 -22.11 4.04
CA ARG A 86 24.75 -22.68 5.10
C ARG A 86 23.56 -23.41 4.60
N ILE A 87 23.38 -24.59 5.23
CA ILE A 87 22.24 -25.50 4.98
C ILE A 87 21.37 -25.64 6.25
N GLU A 88 20.14 -25.99 5.95
CA GLU A 88 19.20 -26.13 7.10
C GLU A 88 18.13 -27.05 6.62
N ARG A 89 17.78 -27.96 7.53
CA ARG A 89 16.73 -28.94 7.26
C ARG A 89 15.41 -28.27 7.65
N VAL A 90 14.49 -28.38 6.68
CA VAL A 90 13.14 -27.82 6.88
C VAL A 90 12.42 -28.81 7.81
N VAL A 91 11.93 -28.22 8.88
CA VAL A 91 11.23 -29.06 9.89
C VAL A 91 9.83 -29.42 9.41
N GLY A 92 9.64 -30.73 9.53
CA GLY A 92 8.34 -31.34 9.12
C GLY A 92 8.70 -32.21 7.90
N GLU A 93 8.96 -31.50 6.83
CA GLU A 93 9.29 -32.13 5.55
C GLU A 93 10.55 -32.95 5.45
N LYS A 94 10.36 -33.83 4.47
CA LYS A 94 11.19 -34.87 3.94
C LYS A 94 12.56 -34.40 3.44
N ASP A 95 12.44 -34.06 2.17
CA ASP A 95 13.38 -33.62 1.18
C ASP A 95 13.59 -32.12 0.98
N GLN A 96 13.62 -31.38 2.08
CA GLN A 96 13.74 -29.94 1.95
C GLN A 96 14.70 -29.35 2.98
N TYR A 97 15.47 -28.49 2.36
CA TYR A 97 16.44 -27.68 3.12
C TYR A 97 16.25 -26.20 2.72
N ILE A 98 16.91 -25.41 3.54
CA ILE A 98 16.97 -23.97 3.30
C ILE A 98 18.46 -23.76 3.09
N ALA A 99 18.81 -23.51 1.86
CA ALA A 99 20.24 -23.29 1.48
C ALA A 99 20.39 -21.77 1.41
N TYR A 100 21.37 -21.23 2.05
CA TYR A 100 21.73 -19.81 2.17
C TYR A 100 22.93 -19.55 1.25
N VAL A 101 22.65 -18.66 0.32
CA VAL A 101 23.71 -18.30 -0.68
C VAL A 101 24.09 -16.82 -0.58
N ALA A 102 25.37 -16.59 -0.75
CA ALA A 102 25.92 -15.25 -0.68
C ALA A 102 26.44 -14.85 -2.04
N TYR A 103 26.01 -13.69 -2.52
CA TYR A 103 26.56 -13.21 -3.83
C TYR A 103 27.24 -11.85 -3.59
N PRO A 104 28.39 -11.71 -4.18
CA PRO A 104 29.18 -10.49 -4.11
C PRO A 104 28.46 -9.30 -4.75
N LEU A 105 28.59 -8.10 -4.19
CA LEU A 105 27.97 -6.86 -4.68
C LEU A 105 28.27 -6.58 -6.16
N ASP A 106 29.48 -6.88 -6.51
CA ASP A 106 30.01 -6.63 -7.83
C ASP A 106 29.28 -7.35 -8.93
N LEU A 107 28.51 -8.34 -8.62
CA LEU A 107 27.87 -9.14 -9.67
C LEU A 107 26.71 -8.33 -10.25
N PHE A 108 26.25 -7.39 -9.47
CA PHE A 108 25.04 -6.69 -9.83
C PHE A 108 25.17 -5.30 -10.40
N GLU A 109 24.36 -5.15 -11.48
CA GLU A 109 24.27 -3.81 -12.10
C GLU A 109 23.44 -2.95 -11.14
N GLU A 110 24.02 -1.79 -10.78
CA GLU A 110 23.40 -0.79 -9.93
C GLU A 110 22.05 -0.37 -10.46
N GLY A 111 21.05 -0.24 -9.66
CA GLY A 111 19.73 0.18 -10.05
C GLY A 111 18.95 -0.69 -10.97
N SER A 112 19.38 -1.93 -11.18
CA SER A 112 18.70 -2.88 -12.04
C SER A 112 18.12 -4.15 -11.39
N VAL A 113 16.86 -4.16 -11.04
CA VAL A 113 16.12 -5.30 -10.54
C VAL A 113 16.13 -6.35 -11.63
N THR A 114 16.05 -5.91 -12.90
CA THR A 114 16.13 -6.92 -13.98
C THR A 114 17.38 -7.75 -13.85
N ASN A 115 18.48 -7.07 -13.58
CA ASN A 115 19.76 -7.78 -13.52
C ASN A 115 19.80 -8.58 -12.17
N MET A 116 19.29 -8.14 -11.08
CA MET A 116 19.38 -8.92 -9.84
C MET A 116 18.68 -10.26 -10.05
N PHE A 117 17.50 -10.20 -10.66
CA PHE A 117 16.67 -11.33 -11.00
C PHE A 117 17.39 -12.22 -12.01
N THR A 118 17.95 -11.75 -13.12
CA THR A 118 18.61 -12.61 -14.06
C THR A 118 19.73 -13.42 -13.40
N SER A 119 20.51 -12.77 -12.58
CA SER A 119 21.68 -13.37 -11.92
C SER A 119 21.25 -14.45 -10.88
N ILE A 120 20.30 -14.17 -10.04
CA ILE A 120 19.90 -15.09 -8.99
C ILE A 120 18.96 -16.19 -9.44
N VAL A 121 17.85 -15.84 -10.01
CA VAL A 121 16.85 -16.76 -10.54
C VAL A 121 16.93 -17.02 -12.03
N GLY A 122 17.95 -16.67 -12.78
CA GLY A 122 17.97 -16.88 -14.23
C GLY A 122 18.07 -18.29 -14.74
N ASN A 123 18.89 -19.10 -14.09
CA ASN A 123 19.11 -20.46 -14.51
C ASN A 123 18.87 -21.62 -13.54
N VAL A 124 19.06 -21.49 -12.25
CA VAL A 124 19.04 -22.63 -11.36
C VAL A 124 17.76 -23.39 -11.22
N PHE A 125 16.62 -22.81 -11.45
CA PHE A 125 15.34 -23.43 -11.31
C PHE A 125 15.28 -24.56 -12.31
N GLY A 126 16.21 -24.67 -13.21
CA GLY A 126 16.08 -25.75 -14.18
C GLY A 126 17.18 -26.77 -13.99
N PHE A 127 17.91 -26.63 -12.90
CA PHE A 127 19.03 -27.58 -12.62
C PHE A 127 18.48 -29.00 -12.43
N LYS A 128 18.88 -29.94 -13.21
CA LYS A 128 18.44 -31.36 -13.26
C LYS A 128 18.25 -31.96 -11.87
N ALA A 129 19.32 -31.84 -11.11
CA ALA A 129 19.52 -32.29 -9.77
C ALA A 129 18.61 -31.77 -8.69
N LEU A 130 17.69 -30.95 -9.01
CA LEU A 130 16.79 -30.36 -8.02
C LEU A 130 15.42 -30.85 -8.48
N ARG A 131 14.63 -31.19 -7.53
CA ARG A 131 13.26 -31.67 -7.90
C ARG A 131 12.45 -30.36 -8.09
N ALA A 132 12.74 -29.47 -7.13
CA ALA A 132 12.05 -28.20 -7.08
C ALA A 132 12.86 -27.21 -6.26
N LEU A 133 12.65 -25.92 -6.64
CA LEU A 133 13.38 -24.89 -5.89
C LEU A 133 12.44 -23.72 -5.77
N ARG A 134 12.56 -23.20 -4.57
CA ARG A 134 11.80 -21.99 -4.25
C ARG A 134 12.64 -20.91 -3.56
N LEU A 135 12.72 -19.69 -4.20
CA LEU A 135 13.47 -18.58 -3.53
C LEU A 135 12.55 -18.00 -2.49
N GLU A 136 12.88 -17.96 -1.22
CA GLU A 136 12.03 -17.45 -0.16
C GLU A 136 12.37 -16.05 0.26
N ASP A 137 13.64 -15.67 0.23
CA ASP A 137 14.03 -14.32 0.69
C ASP A 137 15.35 -13.85 0.15
N LEU A 138 15.54 -12.54 0.20
CA LEU A 138 16.82 -12.01 -0.25
C LEU A 138 17.19 -10.90 0.76
N ARG A 139 18.49 -10.85 1.05
CA ARG A 139 18.89 -9.71 1.96
C ARG A 139 19.55 -8.70 0.99
N ILE A 140 18.85 -7.57 0.85
CA ILE A 140 19.45 -6.54 -0.07
C ILE A 140 20.30 -5.64 0.82
N PRO A 141 21.58 -5.66 0.60
CA PRO A 141 22.47 -4.83 1.42
C PRO A 141 22.27 -3.36 1.20
N PRO A 142 22.59 -2.53 2.17
CA PRO A 142 22.46 -1.09 2.05
C PRO A 142 23.28 -0.59 0.87
N ALA A 143 24.45 -1.04 0.63
CA ALA A 143 25.28 -0.58 -0.51
C ALA A 143 24.56 -0.86 -1.82
N TYR A 144 23.62 -1.76 -2.01
CA TYR A 144 22.87 -2.00 -3.25
C TYR A 144 21.54 -1.22 -3.18
N VAL A 145 20.87 -1.24 -2.04
CA VAL A 145 19.67 -0.47 -1.92
C VAL A 145 19.90 0.99 -2.37
N LYS A 146 21.03 1.57 -2.06
CA LYS A 146 21.30 2.97 -2.35
C LYS A 146 21.46 3.26 -3.84
N THR A 147 21.55 2.27 -4.69
CA THR A 147 21.63 2.45 -6.11
C THR A 147 20.20 2.51 -6.71
N PHE A 148 19.11 2.43 -5.99
CA PHE A 148 17.76 2.46 -6.48
C PHE A 148 17.07 3.68 -6.02
N GLN A 149 16.14 4.12 -6.82
CA GLN A 149 15.36 5.30 -6.44
C GLN A 149 14.31 4.78 -5.48
N GLY A 150 13.74 3.64 -5.82
CA GLY A 150 12.68 3.10 -4.89
C GLY A 150 11.39 3.79 -5.32
N PRO A 151 10.43 3.88 -4.44
CA PRO A 151 9.15 4.47 -4.73
C PRO A 151 9.19 5.93 -5.18
N PRO A 152 8.36 6.27 -6.16
CA PRO A 152 8.35 7.66 -6.62
C PRO A 152 8.13 8.53 -5.37
N HIS A 153 7.28 8.18 -4.45
CA HIS A 153 6.95 9.02 -3.30
C HIS A 153 6.96 8.28 -1.98
N GLY A 154 6.20 7.19 -1.83
CA GLY A 154 6.22 6.41 -0.58
C GLY A 154 5.14 6.98 0.30
N ILE A 155 4.87 6.17 1.34
CA ILE A 155 3.81 6.47 2.27
C ILE A 155 3.66 7.85 2.79
N GLN A 156 4.67 8.35 3.43
CA GLN A 156 4.65 9.67 4.07
C GLN A 156 4.37 10.73 3.03
N VAL A 157 5.12 10.73 1.97
CA VAL A 157 4.87 11.78 0.93
C VAL A 157 3.48 11.69 0.40
N GLU A 158 3.01 10.47 0.17
CA GLU A 158 1.63 10.38 -0.39
C GLU A 158 0.60 10.89 0.55
N ARG A 159 0.66 10.64 1.88
CA ARG A 159 -0.42 11.17 2.75
C ARG A 159 -0.49 12.66 2.76
N ASP A 160 0.69 13.22 2.71
CA ASP A 160 0.96 14.69 2.71
C ASP A 160 0.48 15.26 1.40
N LYS A 161 0.76 14.66 0.27
CA LYS A 161 0.27 15.20 -1.02
C LYS A 161 -1.22 15.06 -0.98
N LEU A 162 -1.79 13.99 -0.45
CA LEU A 162 -3.24 13.81 -0.48
C LEU A 162 -3.93 14.41 0.67
N ASN A 163 -3.20 14.75 1.69
CA ASN A 163 -3.71 15.36 2.92
C ASN A 163 -4.65 14.38 3.64
N LYS A 164 -4.23 13.14 3.78
CA LYS A 164 -5.08 12.09 4.37
C LYS A 164 -4.27 11.43 5.46
N TYR A 165 -4.80 11.55 6.70
CA TYR A 165 -4.00 10.97 7.81
C TYR A 165 -4.89 10.23 8.79
N GLY A 166 -4.42 9.24 9.51
CA GLY A 166 -5.29 8.65 10.52
C GLY A 166 -6.22 7.55 10.21
N ARG A 167 -6.11 6.92 9.08
CA ARG A 167 -7.03 5.84 8.69
C ARG A 167 -6.52 5.24 7.38
N PRO A 168 -6.84 3.96 7.20
CA PRO A 168 -6.51 3.28 5.95
C PRO A 168 -7.22 4.06 4.85
N LEU A 169 -6.64 3.98 3.64
CA LEU A 169 -7.22 4.63 2.44
C LEU A 169 -8.18 3.56 1.82
N LEU A 170 -9.23 4.03 1.17
CA LEU A 170 -10.24 3.25 0.54
C LEU A 170 -10.29 3.41 -0.99
N GLY A 171 -10.23 2.29 -1.63
CA GLY A 171 -10.33 2.20 -3.08
C GLY A 171 -11.53 1.39 -3.54
N CYS A 172 -12.04 1.76 -4.71
CA CYS A 172 -13.20 1.04 -5.28
C CYS A 172 -12.79 0.37 -6.53
N THR A 173 -13.25 -0.80 -6.77
CA THR A 173 -12.93 -1.57 -8.00
C THR A 173 -14.10 -1.45 -8.94
N ILE A 174 -13.83 -1.06 -10.16
CA ILE A 174 -14.85 -0.89 -11.19
C ILE A 174 -14.99 -2.25 -11.93
N LYS A 175 -16.22 -2.70 -11.89
CA LYS A 175 -16.51 -4.03 -12.52
C LYS A 175 -17.62 -3.68 -13.46
N PRO A 176 -17.83 -4.39 -14.54
CA PRO A 176 -17.07 -5.55 -14.93
C PRO A 176 -15.61 -5.29 -15.20
N LYS A 177 -14.73 -6.29 -15.33
CA LYS A 177 -13.32 -6.11 -15.70
C LYS A 177 -13.12 -5.62 -17.15
N LEU A 178 -13.89 -6.11 -18.13
CA LEU A 178 -13.74 -5.62 -19.53
C LEU A 178 -15.14 -5.34 -20.08
N GLY A 179 -15.16 -4.63 -21.20
CA GLY A 179 -16.37 -4.28 -21.92
C GLY A 179 -17.06 -3.01 -21.55
N LEU A 180 -16.56 -2.23 -20.61
CA LEU A 180 -17.28 -0.96 -20.28
C LEU A 180 -16.78 0.16 -21.20
N SER A 181 -17.55 1.12 -21.59
CA SER A 181 -17.17 2.24 -22.41
C SER A 181 -16.48 3.27 -21.51
N ALA A 182 -15.70 4.12 -22.17
CA ALA A 182 -14.94 5.16 -21.48
C ALA A 182 -15.92 6.00 -20.72
N LYS A 183 -16.98 6.46 -21.41
CA LYS A 183 -17.90 7.30 -20.61
C LYS A 183 -18.57 6.54 -19.46
N ASN A 184 -18.95 5.29 -19.59
CA ASN A 184 -19.58 4.57 -18.45
C ASN A 184 -18.50 4.33 -17.38
N TYR A 185 -17.27 4.08 -17.76
CA TYR A 185 -16.19 3.93 -16.79
C TYR A 185 -16.17 5.13 -15.85
N GLY A 186 -16.07 6.35 -16.40
CA GLY A 186 -16.02 7.56 -15.63
C GLY A 186 -17.27 7.76 -14.79
N ARG A 187 -18.42 7.32 -15.28
CA ARG A 187 -19.66 7.52 -14.50
C ARG A 187 -19.59 6.69 -13.21
N ALA A 188 -19.09 5.49 -13.36
CA ALA A 188 -19.00 4.60 -12.18
C ALA A 188 -17.89 5.18 -11.32
N VAL A 189 -16.87 5.78 -11.97
CA VAL A 189 -15.75 6.33 -11.18
C VAL A 189 -16.24 7.47 -10.31
N TYR A 190 -17.00 8.40 -10.86
CA TYR A 190 -17.56 9.56 -10.17
C TYR A 190 -18.50 9.12 -9.04
N GLU A 191 -19.40 8.15 -9.33
CA GLU A 191 -20.36 7.66 -8.31
C GLU A 191 -19.69 7.06 -7.09
N CYS A 192 -18.73 6.20 -7.33
CA CYS A 192 -17.91 5.54 -6.32
C CYS A 192 -17.12 6.57 -5.57
N LEU A 193 -16.39 7.52 -6.16
CA LEU A 193 -15.64 8.52 -5.42
C LEU A 193 -16.48 9.48 -4.61
N ARG A 194 -17.57 10.01 -5.06
CA ARG A 194 -18.36 11.03 -4.38
C ARG A 194 -18.97 10.52 -3.08
N GLY A 195 -18.96 9.20 -2.94
CA GLY A 195 -19.43 8.50 -1.76
C GLY A 195 -18.45 8.36 -0.65
N GLY A 196 -17.19 8.72 -0.76
CA GLY A 196 -16.28 8.65 0.40
C GLY A 196 -15.05 7.81 0.19
N LEU A 197 -14.92 7.21 -0.98
CA LEU A 197 -13.71 6.40 -1.27
C LEU A 197 -12.63 7.34 -1.78
N ASP A 198 -11.37 7.02 -1.55
CA ASP A 198 -10.28 7.88 -1.98
C ASP A 198 -9.87 7.57 -3.42
N PHE A 199 -9.87 6.34 -3.85
CA PHE A 199 -9.43 5.94 -5.17
C PHE A 199 -10.40 5.03 -5.89
N THR A 200 -10.28 5.03 -7.18
CA THR A 200 -11.01 4.16 -8.08
C THR A 200 -9.88 3.48 -8.80
N LYS A 201 -10.11 2.33 -9.36
CA LYS A 201 -9.02 1.62 -10.01
C LYS A 201 -9.43 1.08 -11.36
N ASP A 202 -8.55 1.24 -12.34
CA ASP A 202 -8.70 0.67 -13.67
C ASP A 202 -8.42 -0.82 -13.43
N ASP A 203 -9.10 -1.64 -14.15
CA ASP A 203 -8.81 -3.07 -14.06
C ASP A 203 -7.38 -3.24 -14.58
N GLU A 204 -6.64 -4.21 -14.09
CA GLU A 204 -5.30 -4.42 -14.60
C GLU A 204 -5.30 -4.76 -16.08
N ASN A 205 -6.40 -5.25 -16.59
CA ASN A 205 -6.55 -5.65 -17.98
C ASN A 205 -6.95 -4.46 -18.85
N VAL A 206 -7.51 -3.42 -18.27
CA VAL A 206 -7.91 -2.35 -19.16
C VAL A 206 -6.64 -1.54 -19.49
N ASN A 207 -6.23 -1.54 -20.74
CA ASN A 207 -5.04 -0.83 -21.25
C ASN A 207 -5.67 0.07 -22.32
N SER A 208 -5.68 -0.41 -23.55
CA SER A 208 -6.42 0.39 -24.57
C SER A 208 -7.12 -0.68 -25.39
N GLN A 209 -8.39 -0.70 -25.61
CA GLN A 209 -8.99 -1.82 -26.43
C GLN A 209 -10.07 -1.30 -27.32
N PRO A 210 -10.61 -2.09 -28.24
CA PRO A 210 -11.72 -1.68 -29.11
C PRO A 210 -12.86 -1.10 -28.34
N PHE A 211 -13.25 -1.64 -27.21
CA PHE A 211 -14.41 -1.12 -26.44
C PHE A 211 -14.09 0.14 -25.67
N MET A 212 -12.84 0.48 -25.46
CA MET A 212 -12.39 1.61 -24.65
C MET A 212 -10.91 1.85 -24.92
N ARG A 213 -10.67 2.94 -25.70
CA ARG A 213 -9.25 3.31 -26.01
C ARG A 213 -8.74 4.12 -24.81
N TRP A 214 -7.47 4.08 -24.54
CA TRP A 214 -6.97 4.71 -23.29
C TRP A 214 -7.17 6.18 -23.17
N ARG A 215 -6.94 6.91 -24.26
CA ARG A 215 -7.06 8.39 -24.09
C ARG A 215 -8.41 8.77 -23.70
N ASP A 216 -9.43 8.18 -24.31
CA ASP A 216 -10.86 8.41 -23.95
C ASP A 216 -11.08 8.09 -22.47
N ARG A 217 -10.64 6.93 -22.00
CA ARG A 217 -10.77 6.62 -20.56
C ARG A 217 -10.13 7.67 -19.64
N PHE A 218 -8.90 8.06 -19.93
CA PHE A 218 -8.17 9.05 -19.12
C PHE A 218 -8.94 10.35 -18.99
N LEU A 219 -9.38 10.81 -20.18
CA LEU A 219 -10.16 12.05 -20.18
C LEU A 219 -11.42 11.99 -19.34
N PHE A 220 -12.26 10.98 -19.55
CA PHE A 220 -13.54 10.82 -18.83
C PHE A 220 -13.30 10.59 -17.35
N CYS A 221 -12.32 9.76 -17.02
CA CYS A 221 -12.01 9.51 -15.60
C CYS A 221 -11.56 10.80 -14.94
N ALA A 222 -10.75 11.58 -15.71
CA ALA A 222 -10.30 12.86 -15.12
C ALA A 222 -11.52 13.71 -14.85
N GLU A 223 -12.42 13.82 -15.87
CA GLU A 223 -13.65 14.62 -15.60
C GLU A 223 -14.41 14.19 -14.34
N ALA A 224 -14.64 12.89 -14.23
CA ALA A 224 -15.30 12.24 -13.09
C ALA A 224 -14.55 12.44 -11.80
N LEU A 225 -13.19 12.22 -11.77
CA LEU A 225 -12.55 12.44 -10.41
C LEU A 225 -12.58 13.88 -10.00
N TYR A 226 -12.47 14.85 -10.92
CA TYR A 226 -12.52 16.29 -10.48
C TYR A 226 -13.85 16.68 -9.92
N LYS A 227 -14.90 16.17 -10.54
CA LYS A 227 -16.27 16.44 -10.14
C LYS A 227 -16.48 15.86 -8.74
N ALA A 228 -16.02 14.65 -8.51
CA ALA A 228 -16.19 14.02 -7.18
C ALA A 228 -15.35 14.80 -6.18
N GLN A 229 -14.16 15.23 -6.53
CA GLN A 229 -13.34 16.06 -5.63
C GLN A 229 -14.01 17.38 -5.21
N ALA A 230 -14.58 18.07 -6.22
CA ALA A 230 -15.25 19.35 -6.02
C ALA A 230 -16.47 19.22 -5.13
N GLU A 231 -17.15 18.09 -5.27
CA GLU A 231 -18.38 17.79 -4.56
C GLU A 231 -18.11 17.50 -3.11
N THR A 232 -17.13 16.66 -2.83
CA THR A 232 -16.89 16.23 -1.44
C THR A 232 -15.93 17.10 -0.70
N GLY A 233 -15.02 17.75 -1.38
CA GLY A 233 -14.04 18.60 -0.70
C GLY A 233 -12.85 17.71 -0.37
N GLU A 234 -12.75 16.49 -0.78
CA GLU A 234 -11.60 15.62 -0.45
C GLU A 234 -10.83 15.27 -1.70
N ILE A 235 -9.53 15.17 -1.56
CA ILE A 235 -8.75 14.84 -2.79
C ILE A 235 -9.12 13.45 -3.24
N LYS A 236 -9.31 13.20 -4.52
CA LYS A 236 -9.60 11.94 -5.15
C LYS A 236 -8.52 11.55 -6.14
N GLY A 237 -8.39 10.31 -6.50
CA GLY A 237 -7.51 9.76 -7.48
C GLY A 237 -8.15 8.57 -8.17
N HIS A 238 -7.75 8.33 -9.40
CA HIS A 238 -8.25 7.16 -10.14
C HIS A 238 -7.01 6.49 -10.63
N TYR A 239 -6.68 5.23 -10.40
CA TYR A 239 -5.45 4.66 -10.89
C TYR A 239 -5.62 4.46 -12.40
N LEU A 240 -5.05 5.34 -13.19
CA LEU A 240 -5.09 5.25 -14.68
C LEU A 240 -4.02 4.30 -15.12
N ASN A 241 -4.42 3.20 -15.70
CA ASN A 241 -3.45 2.22 -16.15
C ASN A 241 -2.69 2.66 -17.39
N ALA A 242 -1.36 2.61 -17.24
CA ALA A 242 -0.44 3.01 -18.30
C ALA A 242 0.21 1.80 -18.82
N THR A 243 -0.19 0.63 -18.29
CA THR A 243 0.49 -0.60 -18.84
C THR A 243 0.33 -0.65 -20.34
N ALA A 244 1.38 -1.00 -21.08
CA ALA A 244 1.25 -0.99 -22.54
C ALA A 244 2.20 -1.93 -23.19
N GLY A 245 2.08 -2.11 -24.48
CA GLY A 245 2.89 -3.01 -25.30
C GLY A 245 4.33 -2.63 -25.37
N THR A 246 4.63 -1.28 -25.30
CA THR A 246 5.98 -0.82 -25.45
C THR A 246 6.23 0.28 -24.47
N CYS A 247 7.54 0.47 -24.21
CA CYS A 247 7.90 1.54 -23.25
C CYS A 247 7.46 2.91 -23.71
N GLU A 248 7.57 3.08 -25.02
CA GLU A 248 7.18 4.37 -25.59
C GLU A 248 5.74 4.63 -25.35
N GLU A 249 4.89 3.65 -25.62
CA GLU A 249 3.44 3.80 -25.40
C GLU A 249 3.09 3.99 -23.96
N MET A 250 3.77 3.28 -23.05
CA MET A 250 3.53 3.42 -21.60
C MET A 250 3.87 4.85 -21.19
N ILE A 251 5.03 5.34 -21.65
CA ILE A 251 5.37 6.76 -21.27
C ILE A 251 4.36 7.78 -21.83
N LYS A 252 3.92 7.56 -23.07
CA LYS A 252 2.93 8.40 -23.73
C LYS A 252 1.68 8.44 -22.92
N ARG A 253 1.25 7.38 -22.26
CA ARG A 253 0.05 7.42 -21.41
C ARG A 253 0.25 8.17 -20.11
N ALA A 254 1.36 7.95 -19.45
CA ALA A 254 1.64 8.72 -18.20
C ALA A 254 1.74 10.21 -18.53
N VAL A 255 2.29 10.57 -19.70
CA VAL A 255 2.40 11.97 -20.17
C VAL A 255 1.04 12.62 -20.19
N PHE A 256 0.00 11.94 -20.67
CA PHE A 256 -1.33 12.55 -20.71
C PHE A 256 -1.88 12.65 -19.33
N ALA A 257 -1.66 11.67 -18.49
CA ALA A 257 -2.13 11.78 -17.09
C ALA A 257 -1.47 13.04 -16.51
N ARG A 258 -0.19 13.24 -16.78
CA ARG A 258 0.53 14.50 -16.28
C ARG A 258 -0.12 15.73 -16.82
N GLU A 259 -0.44 15.77 -18.12
CA GLU A 259 -1.14 16.93 -18.70
C GLU A 259 -2.45 17.15 -18.03
N LEU A 260 -3.19 16.14 -17.67
CA LEU A 260 -4.51 16.31 -17.02
C LEU A 260 -4.41 16.78 -15.58
N GLY A 261 -3.20 16.68 -14.98
CA GLY A 261 -3.00 17.14 -13.59
C GLY A 261 -3.46 16.16 -12.50
N VAL A 262 -3.68 14.91 -12.84
CA VAL A 262 -4.24 13.90 -11.92
C VAL A 262 -3.13 13.35 -11.06
N PRO A 263 -3.49 12.77 -9.91
CA PRO A 263 -2.48 12.28 -9.00
C PRO A 263 -1.84 10.94 -9.17
N ILE A 264 -2.48 9.96 -9.83
CA ILE A 264 -1.91 8.64 -9.83
C ILE A 264 -2.09 7.86 -11.06
N VAL A 265 -1.15 7.08 -11.46
CA VAL A 265 -1.18 6.21 -12.62
C VAL A 265 -0.96 4.79 -12.11
N MET A 266 -1.09 3.83 -12.99
CA MET A 266 -1.01 2.39 -12.52
C MET A 266 -0.19 1.59 -13.45
N HIS A 267 0.43 0.51 -12.91
CA HIS A 267 1.21 -0.32 -13.82
C HIS A 267 1.10 -1.74 -13.29
N ASP A 268 1.16 -2.66 -14.18
CA ASP A 268 1.14 -4.11 -13.91
C ASP A 268 2.61 -4.45 -13.98
N TYR A 269 3.35 -4.32 -12.91
CA TYR A 269 4.79 -4.56 -12.99
C TYR A 269 5.24 -5.92 -13.45
N LEU A 270 4.50 -7.01 -13.20
CA LEU A 270 5.09 -8.26 -13.66
C LEU A 270 4.82 -8.50 -15.13
N THR A 271 3.66 -8.10 -15.63
CA THR A 271 3.39 -8.35 -17.08
C THR A 271 4.14 -7.34 -17.95
N GLY A 272 4.17 -6.06 -17.54
CA GLY A 272 4.94 -5.01 -18.21
C GLY A 272 6.40 -5.37 -18.07
N GLY A 273 6.85 -5.70 -16.85
CA GLY A 273 8.25 -6.13 -16.66
C GLY A 273 9.03 -5.09 -15.88
N PHE A 274 10.09 -5.51 -15.24
CA PHE A 274 10.89 -4.62 -14.37
C PHE A 274 11.56 -3.48 -15.15
N THR A 275 12.01 -3.77 -16.36
CA THR A 275 12.65 -2.69 -17.10
C THR A 275 11.67 -1.54 -17.31
N ALA A 276 10.44 -1.81 -17.71
CA ALA A 276 9.45 -0.77 -17.97
C ALA A 276 9.04 -0.08 -16.71
N ASN A 277 8.86 -0.92 -15.69
CA ASN A 277 8.38 -0.39 -14.38
C ASN A 277 9.37 0.63 -13.82
N THR A 278 10.63 0.34 -13.91
CA THR A 278 11.68 1.20 -13.42
C THR A 278 11.58 2.50 -14.26
N SER A 279 11.43 2.39 -15.58
CA SER A 279 11.23 3.62 -16.35
C SER A 279 10.00 4.30 -15.87
N LEU A 280 8.86 3.70 -15.70
CA LEU A 280 7.71 4.48 -15.28
C LEU A 280 7.94 5.02 -13.91
N ALA A 281 8.50 4.30 -12.94
CA ALA A 281 8.67 4.84 -11.59
C ALA A 281 9.56 6.09 -11.70
N HIS A 282 10.59 6.09 -12.53
CA HIS A 282 11.40 7.34 -12.62
C HIS A 282 10.57 8.48 -13.11
N TYR A 283 9.75 8.24 -14.12
CA TYR A 283 8.88 9.23 -14.78
C TYR A 283 7.98 9.84 -13.77
N CYS A 284 7.46 8.98 -12.88
CA CYS A 284 6.54 9.43 -11.82
C CYS A 284 7.25 10.35 -10.81
N ARG A 285 8.45 9.99 -10.47
CA ARG A 285 9.21 10.77 -9.53
C ARG A 285 9.42 12.16 -10.18
N ASP A 286 9.88 12.13 -11.39
CA ASP A 286 10.17 13.39 -12.09
C ASP A 286 8.96 14.24 -12.34
N ASN A 287 7.77 13.74 -12.35
CA ASN A 287 6.58 14.50 -12.64
C ASN A 287 5.63 14.47 -11.52
N GLY A 288 5.87 14.06 -10.35
CA GLY A 288 4.95 14.12 -9.25
C GLY A 288 3.80 13.21 -9.25
N LEU A 289 3.78 12.13 -9.98
CA LEU A 289 2.63 11.19 -10.02
C LEU A 289 2.85 10.02 -9.04
N LEU A 290 1.82 9.65 -8.34
CA LEU A 290 1.93 8.45 -7.42
C LEU A 290 1.82 7.26 -8.35
N LEU A 291 2.44 6.16 -8.01
CA LEU A 291 2.35 4.94 -8.79
C LEU A 291 1.77 3.72 -7.99
N HIS A 292 0.60 3.26 -8.44
CA HIS A 292 -0.19 2.14 -7.93
C HIS A 292 0.23 0.92 -8.67
N ILE A 293 0.75 -0.08 -8.02
CA ILE A 293 1.23 -1.27 -8.77
C ILE A 293 0.31 -2.48 -8.73
N HIS A 294 -0.04 -3.12 -9.82
CA HIS A 294 -0.92 -4.30 -9.68
C HIS A 294 -0.08 -5.51 -9.88
N ARG A 295 -0.38 -6.59 -9.09
CA ARG A 295 0.48 -7.79 -9.15
C ARG A 295 0.06 -8.94 -10.05
N ALA A 296 -0.74 -8.60 -11.06
CA ALA A 296 -1.15 -9.59 -12.08
C ALA A 296 0.00 -10.49 -12.48
N MET A 297 -0.40 -11.80 -12.56
CA MET A 297 0.46 -12.90 -12.90
C MET A 297 1.24 -13.42 -11.71
N HIS A 298 1.23 -12.79 -10.56
CA HIS A 298 2.12 -13.28 -9.49
C HIS A 298 1.87 -14.75 -9.10
N ALA A 299 0.60 -15.11 -9.12
CA ALA A 299 0.26 -16.50 -8.67
C ALA A 299 0.89 -17.52 -9.58
N VAL A 300 1.28 -17.13 -10.76
CA VAL A 300 1.92 -18.10 -11.66
C VAL A 300 3.23 -18.49 -11.02
N ILE A 301 3.88 -17.60 -10.28
CA ILE A 301 5.25 -17.88 -9.78
C ILE A 301 5.33 -18.15 -8.29
N ASP A 302 4.45 -17.57 -7.52
CA ASP A 302 4.54 -17.60 -6.06
C ASP A 302 3.53 -18.44 -5.27
N ARG A 303 2.75 -19.24 -5.94
CA ARG A 303 1.73 -20.03 -5.24
C ARG A 303 2.26 -21.35 -4.65
N GLN A 304 2.92 -22.16 -5.42
CA GLN A 304 3.44 -23.47 -5.10
C GLN A 304 4.54 -23.35 -4.07
N LYS A 305 4.39 -24.02 -2.91
CA LYS A 305 5.36 -24.01 -1.80
C LYS A 305 6.71 -24.63 -2.02
N ASN A 306 6.92 -25.39 -3.05
CA ASN A 306 8.19 -26.04 -3.34
C ASN A 306 8.91 -25.42 -4.53
N HIS A 307 8.09 -24.68 -5.32
CA HIS A 307 8.76 -24.15 -6.54
C HIS A 307 8.36 -22.74 -6.81
N GLY A 308 9.37 -21.92 -7.18
CA GLY A 308 9.04 -20.51 -7.54
C GLY A 308 9.81 -19.49 -6.74
N ILE A 309 9.13 -18.35 -6.59
CA ILE A 309 9.61 -17.19 -5.88
C ILE A 309 8.47 -16.73 -5.01
N HIS A 310 8.76 -16.73 -3.73
CA HIS A 310 7.79 -16.29 -2.71
C HIS A 310 7.40 -14.82 -2.98
N PHE A 311 6.18 -14.42 -2.82
CA PHE A 311 5.71 -13.07 -3.00
C PHE A 311 6.58 -12.06 -2.22
N ARG A 312 7.15 -12.41 -1.11
CA ARG A 312 7.96 -11.43 -0.34
C ARG A 312 9.16 -10.98 -1.18
N VAL A 313 9.71 -11.83 -2.02
CA VAL A 313 10.83 -11.50 -2.87
C VAL A 313 10.29 -10.56 -3.99
N LEU A 314 9.16 -10.87 -4.56
CA LEU A 314 8.51 -10.04 -5.57
C LEU A 314 8.18 -8.68 -5.00
N ALA A 315 7.89 -8.60 -3.73
CA ALA A 315 7.54 -7.35 -3.05
C ALA A 315 8.80 -6.54 -2.78
N LYS A 316 9.90 -7.17 -2.41
CA LYS A 316 11.11 -6.33 -2.16
C LYS A 316 11.52 -5.72 -3.49
N ALA A 317 11.42 -6.49 -4.55
CA ALA A 317 11.80 -6.10 -5.91
C ALA A 317 10.97 -4.90 -6.39
N LEU A 318 9.70 -4.85 -6.10
CA LEU A 318 8.81 -3.77 -6.42
C LEU A 318 9.23 -2.51 -5.63
N ARG A 319 9.50 -2.64 -4.34
CA ARG A 319 9.94 -1.51 -3.53
C ARG A 319 11.26 -0.98 -4.12
N MET A 320 12.12 -1.78 -4.64
CA MET A 320 13.37 -1.40 -5.26
C MET A 320 13.12 -0.74 -6.65
N SER A 321 12.37 -1.34 -7.52
CA SER A 321 12.07 -0.86 -8.85
C SER A 321 11.27 0.43 -8.77
N GLY A 322 10.27 0.46 -7.92
CA GLY A 322 9.43 1.45 -7.52
C GLY A 322 7.93 1.40 -7.74
N GLY A 323 7.22 1.79 -6.69
CA GLY A 323 5.75 1.85 -6.80
C GLY A 323 5.39 2.50 -5.46
N ASP A 324 4.31 3.21 -5.39
CA ASP A 324 3.88 3.83 -4.18
C ASP A 324 2.85 2.85 -3.55
N HIS A 325 2.15 2.05 -4.30
CA HIS A 325 1.16 1.13 -3.76
C HIS A 325 1.44 -0.23 -4.36
N ILE A 326 1.05 -1.29 -3.65
CA ILE A 326 1.18 -2.64 -4.23
C ILE A 326 0.08 -3.55 -3.68
N HIS A 327 -0.62 -4.23 -4.56
CA HIS A 327 -1.66 -5.20 -4.24
C HIS A 327 -0.84 -6.36 -3.55
N SER A 328 -1.31 -6.59 -2.34
CA SER A 328 -0.75 -7.61 -1.46
C SER A 328 -1.80 -8.71 -1.13
N GLY A 329 -2.94 -8.90 -1.77
CA GLY A 329 -3.84 -9.95 -1.28
C GLY A 329 -4.71 -9.45 -0.16
N THR A 330 -5.38 -10.38 0.49
CA THR A 330 -6.33 -10.08 1.61
C THR A 330 -6.02 -11.02 2.74
N VAL A 331 -6.43 -10.74 3.95
CA VAL A 331 -6.13 -11.70 5.05
C VAL A 331 -7.44 -12.44 5.39
N VAL A 332 -8.53 -11.90 4.91
CA VAL A 332 -9.88 -12.36 5.01
C VAL A 332 -9.91 -13.87 4.67
N GLY A 333 -10.15 -14.56 5.77
CA GLY A 333 -10.28 -16.01 5.85
C GLY A 333 -8.98 -16.78 5.74
N LYS A 334 -7.91 -16.20 6.22
CA LYS A 334 -6.58 -16.81 6.17
C LYS A 334 -6.24 -17.25 7.59
N LEU A 335 -5.66 -18.45 7.63
CA LEU A 335 -5.24 -19.02 8.92
C LEU A 335 -4.21 -18.08 9.49
N GLU A 336 -4.06 -18.14 10.78
CA GLU A 336 -3.06 -17.27 11.43
C GLU A 336 -1.66 -17.43 10.85
N GLY A 337 -1.19 -18.63 10.58
CA GLY A 337 0.17 -18.85 10.04
C GLY A 337 0.40 -18.10 8.72
N GLU A 338 -0.64 -17.94 7.97
CA GLU A 338 -0.75 -17.27 6.69
C GLU A 338 -0.82 -15.76 6.96
N ARG A 339 -1.74 -15.36 7.79
CA ARG A 339 -1.85 -13.95 8.21
C ARG A 339 -0.47 -13.41 8.62
N ASP A 340 0.34 -14.23 9.21
CA ASP A 340 1.67 -13.96 9.70
C ASP A 340 2.69 -13.76 8.60
N ILE A 341 2.59 -14.59 7.63
CA ILE A 341 3.53 -14.52 6.49
C ILE A 341 3.30 -13.21 5.71
N THR A 342 2.03 -12.86 5.68
CA THR A 342 1.48 -11.69 5.04
C THR A 342 2.00 -10.46 5.77
N LEU A 343 1.80 -10.49 7.05
CA LEU A 343 2.30 -9.39 7.88
C LEU A 343 3.81 -9.29 7.76
N GLY A 344 4.51 -10.35 7.60
CA GLY A 344 5.96 -10.27 7.46
C GLY A 344 6.28 -9.44 6.19
N PHE A 345 5.60 -9.76 5.08
CA PHE A 345 5.89 -9.01 3.82
C PHE A 345 5.31 -7.61 3.87
N VAL A 346 4.29 -7.35 4.63
CA VAL A 346 3.79 -6.00 4.81
C VAL A 346 4.88 -5.17 5.47
N ASP A 347 5.50 -5.72 6.48
CA ASP A 347 6.55 -4.98 7.20
C ASP A 347 7.71 -4.67 6.23
N LEU A 348 7.99 -5.71 5.47
CA LEU A 348 9.13 -5.55 4.51
C LEU A 348 8.82 -4.42 3.50
N LEU A 349 7.55 -4.13 3.24
CA LEU A 349 7.13 -3.19 2.24
C LEU A 349 7.11 -1.81 2.85
N ARG A 350 6.62 -1.75 4.06
CA ARG A 350 6.50 -0.43 4.69
C ARG A 350 7.59 0.08 5.55
N ASP A 351 8.28 -0.74 6.29
CA ASP A 351 9.23 -0.26 7.31
C ASP A 351 10.60 -0.02 6.80
N ASP A 352 11.39 0.63 7.64
CA ASP A 352 12.81 0.91 7.34
C ASP A 352 13.74 -0.21 7.69
N PHE A 353 13.34 -0.95 8.76
CA PHE A 353 14.29 -2.06 9.18
C PHE A 353 13.47 -3.24 9.66
N VAL A 354 13.74 -4.39 9.15
CA VAL A 354 12.94 -5.58 9.54
C VAL A 354 13.93 -6.63 10.03
N GLU A 355 13.72 -7.00 11.28
CA GLU A 355 14.62 -7.95 11.95
C GLU A 355 14.18 -9.32 11.48
N GLN A 356 15.13 -10.18 11.28
CA GLN A 356 14.94 -11.59 10.88
C GLN A 356 13.86 -12.22 11.74
N ASP A 357 13.01 -13.04 11.22
CA ASP A 357 11.87 -13.65 11.98
C ASP A 357 11.24 -14.76 11.17
N ARG A 358 11.71 -15.96 11.38
CA ARG A 358 11.21 -17.15 10.60
C ARG A 358 9.78 -17.48 10.83
N SER A 359 9.24 -17.10 11.96
CA SER A 359 7.84 -17.30 12.33
C SER A 359 6.93 -16.58 11.32
N ARG A 360 7.53 -15.51 10.80
CA ARG A 360 6.78 -14.68 9.84
C ARG A 360 7.37 -14.81 8.46
N GLY A 361 8.35 -15.65 8.24
CA GLY A 361 8.99 -15.89 6.97
C GLY A 361 10.07 -14.93 6.49
N ILE A 362 10.56 -14.17 7.43
CA ILE A 362 11.65 -13.22 7.29
C ILE A 362 12.96 -13.94 7.62
N TYR A 363 13.63 -14.43 6.61
CA TYR A 363 14.90 -15.09 6.70
C TYR A 363 16.11 -14.22 6.94
N PHE A 364 16.09 -12.94 6.57
CA PHE A 364 17.25 -12.05 6.79
C PHE A 364 16.76 -10.76 7.43
N THR A 365 17.57 -10.09 8.22
CA THR A 365 17.19 -8.74 8.74
C THR A 365 17.37 -7.84 7.51
N GLN A 366 16.41 -7.00 7.24
CA GLN A 366 16.47 -6.14 6.05
C GLN A 366 16.49 -4.70 6.51
N ASP A 367 17.55 -4.06 6.12
CA ASP A 367 17.64 -2.61 6.45
C ASP A 367 17.38 -1.85 5.13
N TRP A 368 16.43 -0.97 5.10
CA TRP A 368 16.11 -0.25 3.86
C TRP A 368 16.79 1.10 3.77
N VAL A 369 17.64 1.49 4.65
CA VAL A 369 18.34 2.74 4.67
C VAL A 369 17.55 3.92 4.10
N SER A 370 16.37 4.10 4.68
CA SER A 370 15.50 5.19 4.29
C SER A 370 14.89 5.20 2.90
N LEU A 371 14.91 4.16 2.14
CA LEU A 371 14.14 4.05 0.89
C LEU A 371 12.68 4.12 1.35
N PRO A 372 11.84 4.90 0.66
CA PRO A 372 10.45 5.04 1.06
C PRO A 372 9.78 3.67 1.12
N GLY A 373 8.78 3.63 1.95
CA GLY A 373 7.89 2.48 2.17
C GLY A 373 6.72 2.54 1.16
N VAL A 374 6.20 1.34 0.91
CA VAL A 374 5.09 1.19 -0.06
C VAL A 374 3.80 0.93 0.63
N LEU A 375 2.65 1.46 0.31
CA LEU A 375 1.37 1.17 1.00
C LEU A 375 0.80 -0.17 0.50
N PRO A 376 0.53 -1.11 1.40
CA PRO A 376 -0.04 -2.40 0.99
C PRO A 376 -1.46 -2.16 0.61
N VAL A 377 -1.86 -2.79 -0.48
CA VAL A 377 -3.22 -2.72 -1.00
C VAL A 377 -3.90 -4.10 -0.78
N ALA A 378 -4.91 -4.12 0.08
CA ALA A 378 -5.73 -5.27 0.41
C ALA A 378 -7.02 -5.29 -0.41
N SER A 379 -7.16 -6.42 -1.11
CA SER A 379 -8.37 -6.60 -1.92
C SER A 379 -8.70 -8.11 -2.05
N GLY A 380 -9.97 -8.28 -2.37
CA GLY A 380 -10.47 -9.63 -2.61
C GLY A 380 -11.44 -10.10 -1.55
N GLY A 381 -12.71 -9.96 -1.87
CA GLY A 381 -13.84 -10.36 -1.07
C GLY A 381 -14.08 -9.62 0.23
N ILE A 382 -13.55 -8.42 0.40
CA ILE A 382 -13.70 -7.63 1.59
C ILE A 382 -15.10 -7.08 1.69
N HIS A 383 -15.66 -7.17 2.89
CA HIS A 383 -17.07 -6.71 3.10
C HIS A 383 -17.07 -5.76 4.23
N VAL A 384 -18.09 -4.97 4.46
CA VAL A 384 -17.94 -4.04 5.61
C VAL A 384 -17.69 -4.76 6.92
N TRP A 385 -18.31 -5.95 7.15
CA TRP A 385 -18.14 -6.67 8.41
C TRP A 385 -16.75 -7.21 8.51
N HIS A 386 -15.96 -7.03 7.47
CA HIS A 386 -14.54 -7.40 7.60
C HIS A 386 -13.72 -6.17 8.02
N MET A 387 -14.31 -4.99 8.09
CA MET A 387 -13.59 -3.74 8.36
C MET A 387 -12.76 -3.70 9.62
N PRO A 388 -13.34 -4.19 10.71
CA PRO A 388 -12.69 -4.24 12.03
C PRO A 388 -11.41 -5.02 11.99
N ALA A 389 -11.40 -6.17 11.39
CA ALA A 389 -10.20 -7.00 11.32
C ALA A 389 -9.07 -6.46 10.45
N LEU A 390 -9.51 -5.93 9.32
CA LEU A 390 -8.56 -5.31 8.34
C LEU A 390 -7.86 -4.14 9.02
N THR A 391 -8.66 -3.33 9.63
CA THR A 391 -8.10 -2.14 10.30
C THR A 391 -7.04 -2.60 11.29
N GLU A 392 -7.44 -3.61 12.02
CA GLU A 392 -6.73 -4.25 13.10
C GLU A 392 -5.45 -4.84 12.59
N ILE A 393 -5.55 -5.65 11.58
CA ILE A 393 -4.36 -6.32 11.04
C ILE A 393 -3.36 -5.40 10.35
N PHE A 394 -3.91 -4.56 9.47
CA PHE A 394 -3.01 -3.68 8.69
C PHE A 394 -2.75 -2.35 9.36
N GLY A 395 -3.66 -1.87 10.17
CA GLY A 395 -3.49 -0.54 10.74
C GLY A 395 -3.74 0.51 9.60
N ASP A 396 -3.43 1.75 9.95
CA ASP A 396 -3.66 2.88 9.06
C ASP A 396 -2.97 2.92 7.70
N ASP A 397 -1.74 2.38 7.64
CA ASP A 397 -0.97 2.48 6.39
C ASP A 397 -1.24 1.32 5.44
N SER A 398 -2.42 1.49 4.85
CA SER A 398 -2.86 0.45 3.86
C SER A 398 -3.97 1.06 3.03
N VAL A 399 -4.32 0.42 1.90
CA VAL A 399 -5.49 0.90 1.13
C VAL A 399 -6.41 -0.35 1.16
N LEU A 400 -7.65 -0.19 1.41
CA LEU A 400 -8.55 -1.41 1.43
C LEU A 400 -9.31 -1.24 0.13
N GLN A 401 -9.39 -2.22 -0.68
CA GLN A 401 -10.05 -2.05 -2.02
C GLN A 401 -11.30 -2.86 -2.05
N PHE A 402 -12.42 -2.40 -2.44
CA PHE A 402 -13.69 -3.14 -2.54
C PHE A 402 -14.29 -3.16 -3.93
N GLY A 403 -14.79 -4.30 -4.37
CA GLY A 403 -15.45 -4.42 -5.70
C GLY A 403 -16.96 -4.48 -5.52
N GLY A 404 -17.38 -5.67 -5.10
CA GLY A 404 -18.75 -6.08 -4.81
C GLY A 404 -19.40 -5.35 -3.64
N MET A 405 -18.53 -4.85 -2.77
CA MET A 405 -18.92 -4.08 -1.59
C MET A 405 -19.46 -2.68 -1.95
N THR A 406 -18.98 -2.10 -3.03
CA THR A 406 -19.37 -0.76 -3.51
C THR A 406 -20.45 -0.84 -4.59
N LEU A 407 -19.95 -1.44 -5.66
CA LEU A 407 -20.65 -1.66 -6.93
C LEU A 407 -21.86 -2.59 -6.75
N GLY A 408 -21.65 -3.53 -5.82
CA GLY A 408 -22.55 -4.56 -5.41
C GLY A 408 -23.54 -4.13 -4.35
N HIS A 409 -23.45 -2.93 -3.82
CA HIS A 409 -24.42 -2.43 -2.81
C HIS A 409 -25.79 -2.25 -3.49
N PRO A 410 -26.86 -2.53 -2.76
CA PRO A 410 -28.23 -2.48 -3.27
C PRO A 410 -28.66 -1.13 -3.78
N TRP A 411 -27.96 -0.11 -3.25
CA TRP A 411 -28.30 1.25 -3.67
C TRP A 411 -27.33 1.91 -4.67
N GLY A 412 -26.40 1.20 -5.23
CA GLY A 412 -25.47 1.79 -6.16
C GLY A 412 -24.16 2.13 -5.51
N ASN A 413 -23.26 2.64 -6.35
CA ASN A 413 -21.89 2.99 -6.01
C ASN A 413 -21.74 4.00 -4.91
N ALA A 414 -22.52 5.05 -4.94
CA ALA A 414 -22.26 6.10 -3.89
C ALA A 414 -22.54 5.60 -2.50
N PRO A 415 -23.78 5.15 -2.36
CA PRO A 415 -24.23 4.58 -1.05
C PRO A 415 -23.25 3.46 -0.67
N GLY A 416 -22.90 2.63 -1.65
CA GLY A 416 -21.95 1.54 -1.43
C GLY A 416 -20.67 2.10 -0.78
N ALA A 417 -20.30 3.25 -1.34
CA ALA A 417 -19.11 3.95 -0.90
C ALA A 417 -19.33 4.48 0.51
N VAL A 418 -20.47 5.09 0.76
CA VAL A 418 -20.70 5.60 2.13
C VAL A 418 -20.55 4.43 3.12
N ALA A 419 -21.23 3.33 2.68
CA ALA A 419 -21.25 2.16 3.58
C ALA A 419 -19.82 1.88 4.02
N ASN A 420 -18.92 1.66 3.08
CA ASN A 420 -17.55 1.32 3.50
C ASN A 420 -16.85 2.42 4.31
N ARG A 421 -17.16 3.64 3.95
CA ARG A 421 -16.42 4.77 4.56
C ARG A 421 -16.92 4.90 5.98
N VAL A 422 -18.22 4.78 6.21
CA VAL A 422 -18.66 4.87 7.62
C VAL A 422 -18.16 3.66 8.38
N ALA A 423 -18.23 2.49 7.79
CA ALA A 423 -17.76 1.26 8.44
C ALA A 423 -16.31 1.57 8.82
N LEU A 424 -15.48 1.99 7.87
CA LEU A 424 -14.09 2.24 8.27
C LEU A 424 -13.91 3.23 9.40
N GLU A 425 -14.68 4.31 9.33
CA GLU A 425 -14.57 5.40 10.33
C GLU A 425 -15.01 4.95 11.71
N ALA A 426 -16.07 4.12 11.74
CA ALA A 426 -16.59 3.51 13.01
C ALA A 426 -15.46 2.69 13.62
N CYS A 427 -14.80 1.92 12.84
CA CYS A 427 -13.69 1.12 13.30
C CYS A 427 -12.53 1.95 13.85
N VAL A 428 -12.26 3.07 13.18
CA VAL A 428 -11.08 3.84 13.63
C VAL A 428 -11.37 4.56 14.93
N LYS A 429 -12.57 5.06 14.96
CA LYS A 429 -13.02 5.77 16.16
C LYS A 429 -12.99 4.78 17.34
N ALA A 430 -13.64 3.62 17.17
CA ALA A 430 -13.68 2.58 18.20
C ALA A 430 -12.27 2.31 18.74
N ARG A 431 -11.38 2.04 17.80
CA ARG A 431 -9.99 1.71 18.10
C ARG A 431 -9.34 2.83 18.90
N ASN A 432 -9.61 4.03 18.41
CA ASN A 432 -9.08 5.24 19.03
C ASN A 432 -9.65 5.33 20.44
N GLU A 433 -10.86 4.94 20.66
CA GLU A 433 -11.47 4.98 22.00
C GLU A 433 -10.99 3.86 22.92
N GLY A 434 -10.12 2.98 22.43
CA GLY A 434 -9.64 1.90 23.26
C GLY A 434 -10.49 0.65 23.06
N ARG A 435 -11.47 0.58 22.21
CA ARG A 435 -12.20 -0.70 22.01
C ARG A 435 -11.37 -1.77 21.35
N ASP A 436 -11.66 -3.06 21.55
CA ASP A 436 -10.89 -4.16 20.94
C ASP A 436 -11.60 -4.50 19.63
N LEU A 437 -10.90 -4.21 18.53
CA LEU A 437 -11.57 -4.49 17.24
C LEU A 437 -11.81 -5.99 17.07
N ALA A 438 -10.91 -6.81 17.59
CA ALA A 438 -10.98 -8.25 17.46
C ALA A 438 -12.13 -8.84 18.30
N GLN A 439 -12.40 -8.23 19.42
CA GLN A 439 -13.48 -8.74 20.27
C GLN A 439 -14.78 -8.06 19.86
N GLU A 440 -14.72 -6.78 19.58
CA GLU A 440 -15.98 -6.11 19.29
C GLU A 440 -16.34 -5.78 17.88
N GLY A 441 -15.67 -6.38 16.93
CA GLY A 441 -15.94 -6.04 15.52
C GLY A 441 -17.38 -5.93 15.12
N ASN A 442 -18.08 -7.04 15.36
CA ASN A 442 -19.51 -7.18 14.97
C ASN A 442 -20.38 -6.13 15.62
N GLU A 443 -20.03 -5.83 16.87
CA GLU A 443 -20.78 -4.85 17.64
C GLU A 443 -20.63 -3.45 17.08
N ILE A 444 -19.38 -3.13 16.76
CA ILE A 444 -19.03 -1.77 16.25
C ILE A 444 -19.74 -1.54 14.92
N ILE A 445 -19.63 -2.56 14.09
CA ILE A 445 -20.29 -2.52 12.76
C ILE A 445 -21.77 -2.28 13.02
N ARG A 446 -22.35 -3.27 13.69
CA ARG A 446 -23.75 -3.25 14.12
C ARG A 446 -24.17 -1.92 14.71
N GLU A 447 -23.44 -1.25 15.56
CA GLU A 447 -23.92 0.05 16.09
C GLU A 447 -23.97 1.09 14.98
N ALA A 448 -23.00 1.04 14.07
CA ALA A 448 -22.90 2.03 12.99
C ALA A 448 -24.09 1.92 12.07
N CYS A 449 -24.54 0.69 11.91
CA CYS A 449 -25.70 0.43 11.06
C CYS A 449 -26.92 1.19 11.62
N LYS A 450 -26.86 1.41 12.90
CA LYS A 450 -27.99 2.07 13.57
C LYS A 450 -28.09 3.47 12.96
N TRP A 451 -26.99 4.12 12.68
CA TRP A 451 -27.12 5.49 12.15
C TRP A 451 -26.66 5.69 10.73
N SER A 452 -26.43 4.67 9.94
CA SER A 452 -26.07 4.76 8.54
C SER A 452 -26.89 3.70 7.75
N PRO A 453 -27.94 4.29 7.19
CA PRO A 453 -28.91 3.54 6.35
C PRO A 453 -28.15 2.75 5.29
N GLU A 454 -27.19 3.55 4.80
CA GLU A 454 -26.32 3.05 3.70
C GLU A 454 -25.62 1.81 4.22
N LEU A 455 -25.09 2.01 5.43
CA LEU A 455 -24.36 0.89 6.07
C LEU A 455 -25.40 -0.20 6.39
N ALA A 456 -26.55 0.30 6.81
CA ALA A 456 -27.60 -0.69 7.18
C ALA A 456 -27.89 -1.53 5.97
N ALA A 457 -28.09 -0.86 4.84
CA ALA A 457 -28.41 -1.72 3.65
C ALA A 457 -27.34 -2.73 3.30
N ALA A 458 -26.08 -2.43 3.55
CA ALA A 458 -24.98 -3.30 3.18
C ALA A 458 -24.88 -4.50 4.11
N CYS A 459 -25.39 -4.29 5.33
CA CYS A 459 -25.33 -5.32 6.36
C CYS A 459 -26.41 -6.35 6.57
N GLU A 460 -27.54 -6.19 5.90
CA GLU A 460 -28.66 -7.05 6.09
C GLU A 460 -28.42 -8.55 5.96
N VAL A 461 -27.80 -9.06 4.90
CA VAL A 461 -27.61 -10.54 4.91
C VAL A 461 -26.75 -11.01 6.07
N TRP A 462 -25.76 -10.28 6.49
CA TRP A 462 -24.84 -10.59 7.59
C TRP A 462 -25.51 -10.51 8.98
N LYS A 463 -26.32 -9.48 9.16
CA LYS A 463 -27.08 -9.26 10.37
C LYS A 463 -27.94 -10.51 10.69
N GLU A 464 -28.57 -11.01 9.64
CA GLU A 464 -29.41 -12.19 9.79
C GLU A 464 -28.53 -13.34 10.30
N ILE A 465 -27.40 -13.71 9.71
CA ILE A 465 -26.59 -14.81 10.16
C ILE A 465 -25.91 -14.74 11.51
N VAL A 466 -25.45 -13.61 11.88
CA VAL A 466 -24.70 -13.41 13.13
C VAL A 466 -25.56 -12.89 14.26
N PHE A 467 -26.65 -12.23 13.93
CA PHE A 467 -27.55 -11.61 14.93
C PHE A 467 -29.00 -12.09 14.85
N MET B 1 -34.59 2.62 -0.86
CA MET B 1 -33.40 3.05 -1.64
C MET B 1 -33.23 4.55 -1.48
N GLN B 2 -32.09 4.99 -0.98
CA GLN B 2 -31.85 6.43 -0.80
C GLN B 2 -30.71 6.93 -1.70
N VAL B 3 -30.87 8.24 -1.95
CA VAL B 3 -29.91 8.93 -2.83
C VAL B 3 -28.94 9.76 -2.01
N TRP B 4 -27.66 9.46 -2.18
CA TRP B 4 -26.67 10.25 -1.42
C TRP B 4 -26.68 11.64 -2.04
N PRO B 5 -26.92 12.71 -1.30
CA PRO B 5 -26.92 14.08 -1.76
C PRO B 5 -25.58 14.57 -2.36
N PRO B 6 -25.71 15.18 -3.53
CA PRO B 6 -24.56 15.74 -4.25
C PRO B 6 -24.18 17.11 -3.78
N ILE B 7 -24.95 17.73 -2.93
CA ILE B 7 -24.80 19.01 -2.33
C ILE B 7 -24.81 18.88 -0.79
N ASN B 8 -24.20 19.82 -0.11
CA ASN B 8 -24.23 19.93 1.36
C ASN B 8 -23.68 18.79 2.20
N LYS B 9 -22.85 17.99 1.59
CA LYS B 9 -22.22 16.86 2.28
C LYS B 9 -20.72 17.08 2.20
N LYS B 10 -20.29 18.31 2.36
CA LYS B 10 -18.83 18.58 2.32
C LYS B 10 -18.15 17.82 3.45
N LYS B 11 -16.98 17.25 3.21
CA LYS B 11 -16.27 16.44 4.16
C LYS B 11 -14.95 17.02 4.57
N TYR B 12 -14.36 16.40 5.57
CA TYR B 12 -13.10 16.88 6.16
C TYR B 12 -12.14 15.77 6.49
N GLU B 13 -12.17 14.71 5.73
CA GLU B 13 -11.23 13.59 5.98
C GLU B 13 -11.62 12.76 7.18
N THR B 14 -10.72 12.07 7.84
CA THR B 14 -10.99 11.17 8.90
C THR B 14 -12.04 11.55 9.92
N LEU B 15 -12.99 10.64 10.02
CA LEU B 15 -14.10 10.70 10.94
C LEU B 15 -15.24 11.63 10.51
N SER B 16 -15.14 12.29 9.37
CA SER B 16 -16.15 13.26 8.93
C SER B 16 -17.38 12.60 8.37
N TYR B 17 -17.40 11.28 8.30
CA TYR B 17 -18.64 10.60 7.82
C TYR B 17 -19.44 10.12 9.04
N LEU B 18 -18.90 10.25 10.24
CA LEU B 18 -19.57 9.85 11.46
C LEU B 18 -20.32 11.09 11.93
N PRO B 19 -21.25 10.87 12.85
CA PRO B 19 -22.01 12.00 13.47
C PRO B 19 -21.01 12.87 14.20
N ASP B 20 -21.30 14.15 14.25
CA ASP B 20 -20.31 15.08 14.90
C ASP B 20 -19.78 14.55 16.23
N LEU B 21 -18.47 14.50 16.44
CA LEU B 21 -17.93 14.04 17.73
C LEU B 21 -18.50 14.94 18.86
N SER B 22 -18.80 14.27 19.97
CA SER B 22 -19.33 14.90 21.19
C SER B 22 -18.06 15.31 21.97
N GLN B 23 -18.27 16.19 22.92
CA GLN B 23 -17.14 16.64 23.76
C GLN B 23 -16.31 15.45 24.23
N GLU B 24 -16.97 14.38 24.63
CA GLU B 24 -16.27 13.19 25.11
C GLU B 24 -15.58 12.44 24.00
N GLN B 25 -16.27 12.36 22.86
CA GLN B 25 -15.66 11.64 21.70
C GLN B 25 -14.36 12.34 21.29
N LEU B 26 -14.50 13.66 21.25
CA LEU B 26 -13.38 14.57 20.93
C LEU B 26 -12.23 14.27 21.88
N LEU B 27 -12.61 14.29 23.16
CA LEU B 27 -11.63 14.07 24.21
C LEU B 27 -10.98 12.73 24.09
N SER B 28 -11.79 11.75 23.66
CA SER B 28 -11.23 10.38 23.55
C SER B 28 -10.11 10.33 22.50
N GLU B 29 -10.43 11.02 21.40
CA GLU B 29 -9.47 11.13 20.26
C GLU B 29 -8.21 11.84 20.75
N VAL B 30 -8.40 12.98 21.43
CA VAL B 30 -7.20 13.70 21.96
C VAL B 30 -6.36 12.75 22.80
N GLU B 31 -7.04 11.96 23.65
CA GLU B 31 -6.31 11.04 24.55
C GLU B 31 -5.56 9.98 23.81
N TYR B 32 -6.16 9.50 22.72
CA TYR B 32 -5.45 8.49 21.91
C TYR B 32 -4.09 9.07 21.43
N LEU B 33 -4.17 10.30 20.89
CA LEU B 33 -2.96 10.95 20.41
C LEU B 33 -1.94 10.89 21.57
N LEU B 34 -2.49 11.35 22.71
CA LEU B 34 -1.61 11.40 23.89
C LEU B 34 -1.09 10.00 24.23
N LYS B 35 -1.93 8.97 24.23
CA LYS B 35 -1.44 7.65 24.59
C LYS B 35 -0.27 7.17 23.74
N ASN B 36 -0.29 7.49 22.47
CA ASN B 36 0.73 7.09 21.49
C ASN B 36 1.92 8.05 21.45
N GLY B 37 1.77 9.10 22.21
CA GLY B 37 2.77 10.15 22.31
C GLY B 37 2.86 11.02 21.06
N TRP B 38 1.74 11.41 20.50
CA TRP B 38 1.81 12.33 19.34
C TRP B 38 1.63 13.70 19.96
N VAL B 39 2.09 14.70 19.20
CA VAL B 39 1.95 16.10 19.72
C VAL B 39 0.72 16.71 19.07
N PRO B 40 -0.26 17.12 19.84
CA PRO B 40 -1.47 17.69 19.29
C PRO B 40 -1.13 19.09 18.85
N CYS B 41 -1.96 19.56 17.95
CA CYS B 41 -1.77 20.93 17.41
C CYS B 41 -3.09 21.32 16.79
N LEU B 42 -3.54 22.54 16.97
CA LEU B 42 -4.79 22.96 16.31
C LEU B 42 -4.43 23.70 15.00
N GLU B 43 -5.29 23.71 14.04
CA GLU B 43 -5.10 24.42 12.77
C GLU B 43 -6.48 24.94 12.47
N PHE B 44 -6.61 26.09 11.90
CA PHE B 44 -7.93 26.66 11.56
C PHE B 44 -7.73 27.42 10.23
N GLU B 45 -8.86 27.64 9.62
CA GLU B 45 -9.05 28.28 8.34
C GLU B 45 -10.40 28.96 8.31
N THR B 46 -10.43 30.13 7.75
CA THR B 46 -11.69 30.93 7.62
C THR B 46 -12.14 31.13 6.18
N GLU B 47 -11.28 30.99 5.16
CA GLU B 47 -11.71 31.26 3.81
C GLU B 47 -11.98 30.08 2.91
N HIS B 48 -10.96 29.31 2.70
CA HIS B 48 -11.04 28.12 1.84
C HIS B 48 -11.08 26.85 2.66
N GLY B 49 -12.29 26.41 3.01
CA GLY B 49 -12.43 25.21 3.82
C GLY B 49 -12.07 23.93 3.07
N PHE B 50 -12.01 24.07 1.76
CA PHE B 50 -11.68 22.93 0.87
C PHE B 50 -10.58 23.23 -0.15
N VAL B 51 -9.94 22.16 -0.54
CA VAL B 51 -8.84 22.12 -1.52
C VAL B 51 -9.32 22.71 -2.81
N TYR B 52 -8.46 23.38 -3.51
CA TYR B 52 -8.72 24.05 -4.80
C TYR B 52 -7.39 24.09 -5.57
N ARG B 53 -7.41 24.58 -6.79
CA ARG B 53 -6.19 24.57 -7.60
C ARG B 53 -6.13 25.88 -8.34
N GLU B 54 -5.70 26.90 -7.68
CA GLU B 54 -5.56 28.22 -8.34
C GLU B 54 -4.23 28.47 -8.96
N ASN B 55 -3.15 28.24 -8.19
CA ASN B 55 -1.81 28.58 -8.66
C ASN B 55 -1.22 27.64 -9.65
N ASN B 56 -1.62 26.40 -9.49
CA ASN B 56 -1.01 25.38 -10.36
C ASN B 56 -1.96 24.19 -10.40
N LYS B 57 -1.83 23.40 -11.44
CA LYS B 57 -2.58 22.19 -11.72
C LYS B 57 -1.66 21.03 -12.09
N SER B 58 -0.38 21.04 -11.76
CA SER B 58 0.45 19.87 -12.08
C SER B 58 0.09 18.80 -11.06
N PRO B 59 0.45 17.57 -11.34
CA PRO B 59 0.14 16.41 -10.48
C PRO B 59 0.58 16.66 -9.04
N GLY B 60 -0.32 16.50 -8.11
CA GLY B 60 0.03 16.62 -6.69
C GLY B 60 0.00 18.02 -6.12
N TYR B 61 -0.23 19.00 -6.98
CA TYR B 61 -0.34 20.35 -6.53
C TYR B 61 -1.82 20.67 -6.28
N TYR B 62 -2.07 21.18 -5.10
CA TYR B 62 -3.39 21.65 -4.74
C TYR B 62 -3.16 22.83 -3.81
N ASP B 63 -4.02 23.80 -3.85
CA ASP B 63 -4.03 24.92 -2.92
C ASP B 63 -5.00 24.44 -1.80
N GLY B 64 -4.93 25.11 -0.66
CA GLY B 64 -5.84 24.83 0.42
C GLY B 64 -5.50 23.60 1.25
N ARG B 65 -4.38 23.01 1.13
CA ARG B 65 -4.07 21.87 2.00
C ARG B 65 -3.64 22.35 3.37
N TYR B 66 -2.83 23.37 3.36
CA TYR B 66 -2.28 23.99 4.56
C TYR B 66 -3.33 24.85 5.21
N TRP B 67 -3.44 24.83 6.51
CA TRP B 67 -4.37 25.77 7.21
C TRP B 67 -3.46 26.60 8.14
N THR B 68 -4.05 27.53 8.90
CA THR B 68 -3.19 28.30 9.81
C THR B 68 -2.96 27.58 11.14
N MET B 69 -1.76 27.66 11.66
CA MET B 69 -1.45 27.08 12.96
C MET B 69 -2.09 27.93 14.09
N TRP B 70 -2.72 27.23 15.00
CA TRP B 70 -3.31 27.91 16.20
C TRP B 70 -2.20 27.85 17.25
N LYS B 71 -1.56 28.91 17.63
CA LYS B 71 -0.47 28.77 18.65
C LYS B 71 0.63 27.83 18.26
N LEU B 72 1.07 26.89 19.05
CA LEU B 72 2.20 25.99 18.65
C LEU B 72 1.84 24.53 18.89
N PRO B 73 2.60 23.61 18.34
CA PRO B 73 2.25 22.18 18.59
C PRO B 73 2.25 22.08 20.10
N MET B 74 1.40 21.29 20.75
CA MET B 74 1.44 21.27 22.25
C MET B 74 2.39 20.25 22.85
N PHE B 75 3.66 20.57 22.73
CA PHE B 75 4.76 19.75 23.26
C PHE B 75 4.49 19.55 24.77
N GLY B 76 4.78 18.32 25.19
CA GLY B 76 4.63 17.85 26.53
C GLY B 76 3.27 17.93 27.17
N CYS B 77 2.28 18.53 26.57
CA CYS B 77 0.93 18.57 27.21
C CYS B 77 0.64 17.12 27.64
N THR B 78 0.00 17.03 28.79
CA THR B 78 -0.35 15.72 29.38
C THR B 78 -1.82 15.54 29.65
N ASP B 79 -2.58 16.57 29.48
CA ASP B 79 -4.03 16.61 29.76
C ASP B 79 -4.86 17.05 28.56
N ALA B 80 -5.51 16.01 28.03
CA ALA B 80 -6.35 16.09 26.85
C ALA B 80 -7.29 17.26 27.01
N THR B 81 -7.39 17.74 28.23
CA THR B 81 -8.29 18.87 28.49
C THR B 81 -7.69 20.20 28.04
N GLN B 82 -6.37 20.25 28.21
CA GLN B 82 -5.71 21.50 27.76
C GLN B 82 -6.11 21.73 26.29
N VAL B 83 -6.00 20.62 25.53
CA VAL B 83 -6.33 20.66 24.11
C VAL B 83 -7.74 21.11 23.82
N LEU B 84 -8.70 20.50 24.50
CA LEU B 84 -10.13 20.85 24.29
C LEU B 84 -10.34 22.34 24.56
N ALA B 85 -9.64 22.83 25.58
CA ALA B 85 -9.64 24.24 25.98
C ALA B 85 -9.31 25.13 24.80
N GLU B 86 -8.16 24.83 24.21
CA GLU B 86 -7.72 25.61 23.05
C GLU B 86 -8.79 25.63 21.97
N VAL B 87 -9.41 24.46 21.82
CA VAL B 87 -10.44 24.42 20.75
C VAL B 87 -11.47 25.51 21.06
N GLU B 88 -11.79 25.51 22.36
CA GLU B 88 -12.81 26.47 22.86
C GLU B 88 -12.43 27.91 22.58
N GLU B 89 -11.16 28.17 22.86
CA GLU B 89 -10.44 29.43 22.66
C GLU B 89 -10.54 29.85 21.20
N ALA B 90 -10.12 28.92 20.33
CA ALA B 90 -10.19 29.09 18.88
C ALA B 90 -11.60 29.41 18.39
N LYS B 91 -12.64 28.71 18.84
CA LYS B 91 -13.97 29.02 18.28
C LYS B 91 -14.53 30.35 18.72
N LYS B 92 -14.16 30.79 19.92
CA LYS B 92 -14.70 32.10 20.43
C LYS B 92 -14.13 33.17 19.49
N ALA B 93 -12.82 33.03 19.34
CA ALA B 93 -12.05 33.92 18.44
C ALA B 93 -12.52 33.87 17.00
N TYR B 94 -12.60 32.70 16.37
CA TYR B 94 -13.03 32.58 14.96
C TYR B 94 -14.19 31.66 14.82
N PRO B 95 -15.36 32.11 15.17
CA PRO B 95 -16.59 31.30 15.13
C PRO B 95 -16.93 30.92 13.72
N GLN B 96 -16.24 31.61 12.83
CA GLN B 96 -16.50 31.31 11.40
C GLN B 96 -15.42 30.34 10.94
N ALA B 97 -14.48 29.98 11.76
CA ALA B 97 -13.43 29.09 11.24
C ALA B 97 -13.74 27.61 11.30
N TRP B 98 -12.99 26.87 10.45
CA TRP B 98 -13.03 25.41 10.49
C TRP B 98 -11.82 25.15 11.45
N ILE B 99 -11.99 24.25 12.38
CA ILE B 99 -10.89 23.95 13.33
C ILE B 99 -10.60 22.46 13.29
N ARG B 100 -9.39 22.02 13.18
CA ARG B 100 -9.14 20.57 13.16
C ARG B 100 -8.03 20.33 14.14
N ILE B 101 -7.94 19.14 14.65
CA ILE B 101 -6.84 18.86 15.61
C ILE B 101 -5.85 17.99 14.86
N ILE B 102 -4.59 18.21 14.95
CA ILE B 102 -3.65 17.32 14.20
C ILE B 102 -2.67 16.79 15.24
N GLY B 103 -2.01 15.70 14.94
CA GLY B 103 -1.06 15.10 15.83
C GLY B 103 0.20 14.72 15.07
N PHE B 104 1.34 15.07 15.61
CA PHE B 104 2.63 14.74 15.00
C PHE B 104 3.27 13.56 15.75
N ASP B 105 3.86 12.74 14.93
CA ASP B 105 4.68 11.58 15.35
C ASP B 105 6.05 12.07 14.84
N ASN B 106 6.86 12.62 15.73
CA ASN B 106 8.15 13.15 15.18
C ASN B 106 9.17 12.04 15.00
N VAL B 107 8.82 10.87 15.54
CA VAL B 107 9.80 9.76 15.40
C VAL B 107 9.79 9.42 13.93
N ARG B 108 8.64 9.46 13.32
CA ARG B 108 8.54 9.17 11.88
C ARG B 108 8.43 10.44 11.03
N GLN B 109 8.24 11.56 11.70
CA GLN B 109 8.07 12.86 11.05
C GLN B 109 6.93 12.83 10.04
N VAL B 110 5.76 12.57 10.56
CA VAL B 110 4.50 12.45 9.88
C VAL B 110 3.35 12.96 10.80
N GLN B 111 2.28 13.20 10.10
CA GLN B 111 1.03 13.64 10.77
C GLN B 111 0.31 12.31 10.86
N CYS B 112 0.06 11.85 12.04
CA CYS B 112 -0.53 10.52 12.22
C CYS B 112 -2.00 10.55 12.54
N ILE B 113 -2.54 11.75 12.55
CA ILE B 113 -3.99 11.91 12.96
C ILE B 113 -4.35 13.33 12.53
N SER B 114 -5.62 13.55 12.18
CA SER B 114 -6.17 14.83 11.68
C SER B 114 -7.70 14.67 11.56
N PHE B 115 -8.42 15.36 12.41
CA PHE B 115 -9.89 15.31 12.37
C PHE B 115 -10.43 16.71 12.70
N ILE B 116 -11.62 16.91 12.17
CA ILE B 116 -12.33 18.20 12.37
C ILE B 116 -12.87 18.24 13.79
N ALA B 117 -12.63 19.35 14.42
CA ALA B 117 -13.07 19.60 15.77
C ALA B 117 -14.18 20.63 15.73
N TYR B 118 -14.45 21.39 14.72
CA TYR B 118 -15.53 22.40 14.79
C TYR B 118 -15.67 22.96 13.39
N LYS B 119 -16.87 23.12 12.89
CA LYS B 119 -17.17 23.66 11.57
C LYS B 119 -18.08 24.88 11.76
N PRO B 120 -17.99 25.85 10.91
CA PRO B 120 -18.84 27.05 11.02
C PRO B 120 -20.26 26.68 10.65
N GLU B 121 -21.18 27.60 10.91
CA GLU B 121 -22.61 27.41 10.62
C GLU B 121 -22.82 27.17 9.12
N GLY B 122 -23.61 26.10 8.93
CA GLY B 122 -23.99 25.60 7.63
C GLY B 122 -23.08 24.48 7.10
N TYR B 123 -22.11 24.01 7.86
CA TYR B 123 -21.24 22.93 7.41
C TYR B 123 -21.38 21.73 8.35
#